data_6D3Z
#
_entry.id   6D3Z
#
_cell.length_a   121.928
_cell.length_b   121.928
_cell.length_c   40.548
_cell.angle_alpha   90.000
_cell.angle_beta   90.000
_cell.angle_gamma   120.000
#
_symmetry.space_group_name_H-M   'P 63'
#
loop_
_entity.id
_entity.type
_entity.pdbx_description
1 polymer Plasminogen
2 polymer 'Trypsin inhibitor 1'
3 water water
#
loop_
_entity_poly.entity_id
_entity_poly.type
_entity_poly.pdbx_seq_one_letter_code
_entity_poly.pdbx_strand_id
1 'polypeptide(L)'
;FDCGKPQVEPKKCPGRVVGGCVAHPHSWPWQVSLRTRFGMHFCGGTLISPEWVLTAAHCLEKSPRPSSYKVILGAHQEVN
LEPHVQEIEVSRLFLEPTRKDIALLKLSSPAVITDKVIPACLPSPNYVVADRTECFITGWGETQGTFGAGLLKEAQLPVI
ENKVCNRYEFLNGRVQSTELCAGHLAGGTDSCQGDAGGPLVCFEKDKYILQGVTSWGLGCARPNKPGVYVRVSRFVTWIE
GVMRNN
;
A
2 'polypeptide(L)' GRCYKSRPPICFPN C
#
# COMPACT_ATOMS: atom_id res chain seq x y z
N PHE A 1 -19.49 4.00 -9.87
CA PHE A 1 -18.81 3.43 -8.70
C PHE A 1 -18.10 4.50 -7.86
N ASP A 2 -18.69 4.82 -6.70
CA ASP A 2 -18.07 5.75 -5.77
C ASP A 2 -16.76 5.18 -5.22
N CYS A 3 -15.84 6.08 -4.87
CA CYS A 3 -14.57 5.63 -4.32
C CYS A 3 -14.79 4.84 -3.03
N GLY A 4 -13.86 3.91 -2.76
CA GLY A 4 -13.78 3.22 -1.48
C GLY A 4 -14.90 2.27 -1.16
N LYS A 5 -15.74 1.90 -2.13
CA LYS A 5 -16.87 1.01 -1.91
C LYS A 5 -16.74 -0.23 -2.78
N PRO A 6 -16.12 -1.30 -2.27
CA PRO A 6 -16.00 -2.54 -3.06
C PRO A 6 -17.36 -3.13 -3.39
N GLN A 7 -17.43 -3.80 -4.55
CA GLN A 7 -18.61 -4.55 -4.95
C GLN A 7 -18.60 -5.98 -4.47
N VAL A 8 -17.45 -6.47 -4.00
CA VAL A 8 -17.38 -7.70 -3.20
C VAL A 8 -17.02 -7.27 -1.78
N GLU A 9 -17.81 -7.67 -0.82
CA GLU A 9 -17.56 -7.21 0.54
C GLU A 9 -16.31 -7.90 1.10
N PRO A 10 -15.36 -7.14 1.66
CA PRO A 10 -14.15 -7.78 2.19
C PRO A 10 -14.46 -8.73 3.35
N LYS A 11 -13.64 -9.77 3.44
CA LYS A 11 -13.63 -10.65 4.60
C LYS A 11 -12.94 -9.94 5.77
N LYS A 12 -13.37 -10.23 6.99
CA LYS A 12 -12.67 -9.73 8.18
C LYS A 12 -11.60 -10.74 8.54
N CYS A 13 -10.55 -10.28 9.23
CA CYS A 13 -9.45 -11.18 9.58
C CYS A 13 -8.88 -10.80 10.94
N PRO A 14 -9.72 -10.80 11.99
CA PRO A 14 -9.19 -10.51 13.33
C PRO A 14 -8.38 -11.70 13.85
N GLY A 15 -7.27 -11.38 14.51
CA GLY A 15 -6.37 -12.42 15.02
C GLY A 15 -5.10 -12.57 14.20
N VAL A 17 2.44 -10.29 2.58
CA VAL A 17 1.71 -10.26 3.85
C VAL A 17 1.96 -11.54 4.67
N VAL A 18 2.51 -11.35 5.87
CA VAL A 18 2.75 -12.42 6.84
C VAL A 18 1.51 -12.55 7.71
N GLY A 19 1.02 -13.78 7.90
CA GLY A 19 -0.20 -13.94 8.69
C GLY A 19 -1.40 -13.47 7.86
N GLY A 20 -2.46 -13.05 8.54
CA GLY A 20 -3.59 -12.53 7.79
C GLY A 20 -4.31 -13.66 7.07
N CYS A 21 -4.97 -13.31 5.96
CA CYS A 21 -5.66 -14.32 5.17
C CYS A 21 -5.76 -13.90 3.72
N VAL A 22 -6.15 -14.85 2.87
CA VAL A 22 -6.40 -14.55 1.46
C VAL A 22 -7.68 -13.74 1.33
N ALA A 23 -7.61 -12.64 0.59
CA ALA A 23 -8.79 -11.81 0.41
C ALA A 23 -9.84 -12.50 -0.47
N HIS A 24 -11.10 -12.14 -0.27
CA HIS A 24 -12.12 -12.43 -1.26
C HIS A 24 -11.69 -11.77 -2.57
N PRO A 25 -11.72 -12.49 -3.69
CA PRO A 25 -11.31 -11.87 -4.96
C PRO A 25 -12.10 -10.59 -5.26
N HIS A 26 -11.37 -9.54 -5.63
CA HIS A 26 -11.90 -8.24 -6.04
C HIS A 26 -12.61 -7.49 -4.92
N SER A 27 -12.37 -7.86 -3.65
CA SER A 27 -12.89 -7.06 -2.55
C SER A 27 -12.00 -5.87 -2.20
N TRP A 28 -10.86 -5.74 -2.86
CA TRP A 28 -9.97 -4.58 -2.70
C TRP A 28 -9.69 -4.01 -4.08
N PRO A 29 -10.72 -3.46 -4.74
CA PRO A 29 -10.60 -3.18 -6.19
C PRO A 29 -9.63 -2.06 -6.53
N TRP A 30 -9.08 -1.35 -5.54
CA TRP A 30 -8.05 -0.34 -5.77
C TRP A 30 -6.63 -0.89 -5.70
N GLN A 31 -6.44 -2.13 -5.22
CA GLN A 31 -5.12 -2.72 -5.15
C GLN A 31 -4.50 -2.85 -6.55
N VAL A 32 -3.28 -2.30 -6.69
CA VAL A 32 -2.50 -2.33 -7.92
C VAL A 32 -1.29 -3.23 -7.73
N SER A 33 -0.89 -3.90 -8.80
CA SER A 33 0.38 -4.62 -8.85
C SER A 33 1.30 -3.88 -9.81
N LEU A 34 2.46 -3.44 -9.33
CA LEU A 34 3.48 -2.82 -10.16
C LEU A 34 4.42 -3.89 -10.67
N ARG A 35 4.68 -3.89 -11.99
CA ARG A 35 5.41 -4.96 -12.66
C ARG A 35 6.59 -4.42 -13.44
N THR A 36 7.68 -5.20 -13.46
CA THR A 36 8.78 -4.94 -14.38
C THR A 36 8.34 -5.21 -15.82
N ARG A 37 9.24 -4.90 -16.76
CA ARG A 37 8.94 -5.17 -18.16
C ARG A 37 8.86 -6.66 -18.45
N PHE A 38 9.52 -7.51 -17.66
CA PHE A 38 9.36 -8.94 -17.84
C PHE A 38 8.26 -9.50 -16.94
N GLY A 39 7.41 -8.64 -16.36
CA GLY A 39 6.20 -9.08 -15.71
C GLY A 39 6.33 -9.49 -14.27
N MET A 40 7.47 -9.18 -13.61
CA MET A 40 7.65 -9.54 -12.22
C MET A 40 6.97 -8.53 -11.30
N HIS A 41 6.10 -9.02 -10.41
CA HIS A 41 5.53 -8.16 -9.38
C HIS A 41 6.62 -7.76 -8.40
N PHE A 42 6.76 -6.46 -8.12
CA PHE A 42 7.74 -5.99 -7.14
C PHE A 42 7.21 -5.00 -6.11
N CYS A 43 6.01 -4.48 -6.28
CA CYS A 43 5.45 -3.50 -5.34
C CYS A 43 3.96 -3.44 -5.61
N GLY A 44 3.23 -2.95 -4.60
CA GLY A 44 1.83 -2.61 -4.77
C GLY A 44 1.66 -1.13 -5.08
N GLY A 45 0.39 -0.77 -5.22
CA GLY A 45 -0.03 0.61 -5.41
C GLY A 45 -1.51 0.70 -5.16
N THR A 46 -2.01 1.92 -5.13
CA THR A 46 -3.43 2.18 -4.91
C THR A 46 -3.95 3.08 -6.00
N LEU A 47 -4.98 2.60 -6.71
CA LEU A 47 -5.70 3.47 -7.63
C LEU A 47 -6.46 4.52 -6.82
N ILE A 48 -6.28 5.80 -7.16
CA ILE A 48 -6.98 6.87 -6.47
C ILE A 48 -7.85 7.70 -7.40
N SER A 49 -7.78 7.47 -8.71
CA SER A 49 -8.68 8.03 -9.72
C SER A 49 -8.35 7.33 -11.03
N PRO A 50 -9.20 7.42 -12.06
CA PRO A 50 -8.97 6.59 -13.25
C PRO A 50 -7.57 6.71 -13.82
N GLU A 51 -6.89 7.85 -13.67
CA GLU A 51 -5.59 8.03 -14.30
C GLU A 51 -4.41 8.02 -13.34
N TRP A 52 -4.63 7.80 -12.04
CA TRP A 52 -3.57 8.01 -11.06
C TRP A 52 -3.48 6.88 -10.05
N VAL A 53 -2.26 6.41 -9.82
CA VAL A 53 -1.94 5.39 -8.83
C VAL A 53 -0.96 5.99 -7.84
N LEU A 54 -1.22 5.78 -6.55
CA LEU A 54 -0.32 6.19 -5.47
C LEU A 54 0.50 4.99 -5.04
N THR A 55 1.81 5.18 -4.91
CA THR A 55 2.71 4.12 -4.48
C THR A 55 3.83 4.72 -3.62
N ALA A 56 4.81 3.90 -3.26
CA ALA A 56 5.96 4.35 -2.48
C ALA A 56 7.09 4.76 -3.41
N ALA A 57 7.79 5.84 -3.05
CA ALA A 57 8.87 6.35 -3.89
C ALA A 57 9.98 5.32 -4.07
N HIS A 58 10.28 4.54 -3.02
CA HIS A 58 11.41 3.62 -3.11
C HIS A 58 11.13 2.46 -4.06
N CYS A 59 9.87 2.23 -4.42
CA CYS A 59 9.55 1.23 -5.43
C CYS A 59 10.09 1.63 -6.81
N LEU A 60 10.32 2.91 -7.06
CA LEU A 60 10.59 3.39 -8.39
C LEU A 60 11.91 4.13 -8.55
N GLU A 61 12.48 4.63 -7.46
CA GLU A 61 13.42 5.73 -7.62
C GLU A 61 14.69 5.30 -8.36
N LYS A 62 15.12 4.05 -8.17
CA LYS A 62 16.30 3.47 -8.82
C LYS A 62 16.05 3.09 -10.28
N SER A 63 14.84 3.31 -10.81
CA SER A 63 14.56 3.13 -12.23
C SER A 63 13.50 4.13 -12.64
N PRO A 64 13.87 5.42 -12.74
CA PRO A 64 12.83 6.46 -12.89
C PRO A 64 11.99 6.37 -14.16
N ARG A 65 12.56 5.90 -15.28
CA ARG A 65 11.89 5.97 -16.58
C ARG A 65 10.52 5.30 -16.53
N PRO A 66 9.45 6.00 -16.94
CA PRO A 66 8.10 5.43 -16.79
C PRO A 66 7.87 4.16 -17.58
N SER A 67 8.52 4.02 -18.74
CA SER A 67 8.38 2.82 -19.56
C SER A 67 8.98 1.58 -18.90
N SER A 68 9.65 1.73 -17.76
CA SER A 68 10.12 0.59 -16.98
C SER A 68 9.00 -0.12 -16.23
N TYR A 69 7.81 0.48 -16.11
CA TYR A 69 6.77 0.01 -15.21
C TYR A 69 5.49 -0.24 -15.96
N LYS A 70 4.76 -1.27 -15.53
CA LYS A 70 3.37 -1.43 -15.92
C LYS A 70 2.54 -1.66 -14.68
N VAL A 71 1.27 -1.31 -14.78
CA VAL A 71 0.31 -1.33 -13.69
C VAL A 71 -0.74 -2.38 -14.02
N ILE A 72 -0.96 -3.31 -13.10
CA ILE A 72 -1.97 -4.36 -13.26
C ILE A 72 -3.11 -4.05 -12.29
N LEU A 73 -4.33 -3.95 -12.84
CA LEU A 73 -5.52 -3.63 -12.06
C LEU A 73 -6.56 -4.74 -12.18
N GLY A 74 -7.32 -4.93 -11.10
CA GLY A 74 -8.38 -5.92 -11.09
C GLY A 74 -7.93 -7.34 -10.83
N ALA A 75 -6.68 -7.56 -10.44
CA ALA A 75 -6.16 -8.92 -10.31
C ALA A 75 -6.45 -9.50 -8.93
N HIS A 76 -6.42 -10.82 -8.87
CA HIS A 76 -6.37 -11.55 -7.61
C HIS A 76 -5.14 -12.45 -7.50
N GLN A 77 -4.85 -13.25 -8.52
CA GLN A 77 -3.62 -14.04 -8.52
C GLN A 77 -2.42 -13.16 -8.89
N GLU A 78 -1.24 -13.58 -8.42
CA GLU A 78 -0.02 -12.88 -8.80
C GLU A 78 0.48 -13.29 -10.20
N VAL A 79 0.34 -14.56 -10.56
CA VAL A 79 0.74 -15.04 -11.88
C VAL A 79 -0.49 -15.61 -12.58
N ASN A 80 -0.36 -15.81 -13.88
CA ASN A 80 -1.46 -16.36 -14.70
C ASN A 80 -2.72 -15.50 -14.52
N LEU A 81 -2.60 -14.25 -14.97
CA LEU A 81 -3.57 -13.21 -14.63
C LEU A 81 -4.95 -13.51 -15.20
N GLU A 82 -5.97 -13.13 -14.43
CA GLU A 82 -7.39 -13.18 -14.76
C GLU A 82 -7.63 -12.60 -16.16
N PRO A 83 -8.72 -12.97 -16.84
CA PRO A 83 -8.84 -12.57 -18.26
C PRO A 83 -9.12 -11.08 -18.45
N HIS A 84 -9.98 -10.50 -17.61
CA HIS A 84 -10.39 -9.11 -17.73
C HIS A 84 -9.48 -8.17 -16.94
N VAL A 85 -8.30 -8.64 -16.53
CA VAL A 85 -7.36 -7.77 -15.84
C VAL A 85 -6.90 -6.67 -16.79
N GLN A 86 -6.79 -5.45 -16.27
CA GLN A 86 -6.31 -4.32 -17.06
C GLN A 86 -4.82 -4.16 -16.79
N GLU A 87 -4.03 -4.16 -17.85
CA GLU A 87 -2.60 -3.87 -17.78
C GLU A 87 -2.40 -2.53 -18.51
N ILE A 88 -1.86 -1.54 -17.81
CA ILE A 88 -1.78 -0.18 -18.33
C ILE A 88 -0.37 0.37 -18.10
N GLU A 89 0.16 1.04 -19.11
CA GLU A 89 1.49 1.61 -19.03
C GLU A 89 1.48 2.94 -18.28
N VAL A 90 2.64 3.29 -17.72
CA VAL A 90 2.81 4.53 -16.96
C VAL A 90 3.45 5.57 -17.86
N SER A 91 2.83 6.75 -17.92
CA SER A 91 3.35 7.83 -18.77
C SER A 91 4.19 8.85 -18.00
N ARG A 92 3.95 9.04 -16.70
CA ARG A 92 4.67 10.05 -15.94
C ARG A 92 4.80 9.60 -14.50
N LEU A 93 5.94 9.93 -13.90
CA LEU A 93 6.25 9.61 -12.51
C LEU A 93 6.49 10.90 -11.74
N PHE A 94 5.87 11.04 -10.56
CA PHE A 94 6.02 12.23 -9.72
C PHE A 94 6.44 11.81 -8.31
N LEU A 95 7.67 12.15 -7.92
CA LEU A 95 8.12 11.88 -6.56
C LEU A 95 7.75 13.04 -5.64
N GLU A 96 7.37 12.70 -4.41
CA GLU A 96 6.99 13.72 -3.45
C GLU A 96 8.15 14.70 -3.22
N PRO A 97 7.89 16.01 -3.21
CA PRO A 97 9.01 16.97 -3.31
C PRO A 97 9.87 17.07 -2.06
N THR A 98 9.37 16.74 -0.87
CA THR A 98 10.22 16.77 0.32
C THR A 98 10.85 15.41 0.58
N ARG A 99 10.80 14.51 -0.40
CA ARG A 99 11.55 13.26 -0.41
C ARG A 99 11.06 12.25 0.61
N LYS A 100 9.76 12.29 0.91
CA LYS A 100 9.14 11.21 1.63
C LYS A 100 8.96 10.01 0.71
N ASP A 101 8.58 8.86 1.28
CA ASP A 101 8.55 7.60 0.53
C ASP A 101 7.18 7.39 -0.13
N ILE A 102 6.83 8.33 -1.01
CA ILE A 102 5.52 8.32 -1.64
C ILE A 102 5.66 8.97 -3.02
N ALA A 103 4.84 8.52 -3.96
CA ALA A 103 5.02 8.91 -5.37
C ALA A 103 3.71 8.68 -6.11
N LEU A 104 3.53 9.42 -7.20
CA LEU A 104 2.35 9.28 -8.04
C LEU A 104 2.74 8.76 -9.42
N LEU A 105 1.91 7.86 -9.95
CA LEU A 105 2.03 7.37 -11.33
C LEU A 105 0.84 7.85 -12.14
N LYS A 106 1.10 8.53 -13.25
CA LYS A 106 0.03 8.83 -14.19
C LYS A 106 -0.03 7.74 -15.25
N LEU A 107 -1.21 7.14 -15.40
CA LEU A 107 -1.38 6.04 -16.34
C LEU A 107 -1.49 6.58 -17.76
N SER A 108 -0.91 5.83 -18.71
CA SER A 108 -0.91 6.27 -20.10
CA SER A 108 -0.90 6.26 -20.10
C SER A 108 -2.31 6.37 -20.69
N SER A 109 -3.27 5.65 -20.13
CA SER A 109 -4.67 5.80 -20.48
C SER A 109 -5.48 5.54 -19.22
N PRO A 110 -6.70 6.06 -19.14
CA PRO A 110 -7.49 5.89 -17.90
C PRO A 110 -7.90 4.44 -17.71
N ALA A 111 -7.77 3.97 -16.47
CA ALA A 111 -8.35 2.68 -16.13
C ALA A 111 -9.85 2.72 -16.38
N VAL A 112 -10.41 1.60 -16.85
CA VAL A 112 -11.85 1.46 -16.94
C VAL A 112 -12.39 1.09 -15.55
N ILE A 113 -13.27 1.93 -15.01
CA ILE A 113 -13.84 1.68 -13.68
C ILE A 113 -14.96 0.65 -13.80
N THR A 114 -14.78 -0.50 -13.15
CA THR A 114 -15.70 -1.64 -13.24
C THR A 114 -15.99 -2.13 -11.84
N ASP A 115 -16.75 -3.22 -11.74
CA ASP A 115 -16.99 -3.78 -10.42
C ASP A 115 -15.73 -4.40 -9.81
N LYS A 116 -14.64 -4.50 -10.57
CA LYS A 116 -13.40 -5.06 -10.06
C LYS A 116 -12.26 -4.06 -10.01
N VAL A 117 -12.48 -2.85 -10.51
CA VAL A 117 -11.47 -1.80 -10.58
C VAL A 117 -12.12 -0.50 -10.16
N ILE A 118 -11.89 -0.09 -8.91
CA ILE A 118 -12.53 1.06 -8.27
C ILE A 118 -11.48 1.80 -7.45
N PRO A 119 -11.43 3.14 -7.48
CA PRO A 119 -10.43 3.87 -6.68
C PRO A 119 -10.74 3.87 -5.18
N ALA A 120 -9.68 3.95 -4.38
CA ALA A 120 -9.88 4.25 -2.96
C ALA A 120 -10.18 5.74 -2.77
N CYS A 121 -10.79 6.08 -1.64
CA CYS A 121 -10.99 7.47 -1.27
C CYS A 121 -9.75 8.04 -0.58
N LEU A 122 -9.52 9.32 -0.79
CA LEU A 122 -8.46 10.04 -0.11
C LEU A 122 -8.97 10.60 1.23
N PRO A 123 -8.12 10.67 2.24
CA PRO A 123 -8.54 11.19 3.54
C PRO A 123 -8.58 12.72 3.57
N SER A 124 -9.15 13.25 4.65
CA SER A 124 -9.11 14.69 4.89
C SER A 124 -7.67 15.14 5.18
N PRO A 125 -7.26 16.30 4.68
CA PRO A 125 -5.87 16.72 4.88
C PRO A 125 -5.49 16.79 6.35
N ASN A 126 -4.36 16.18 6.67
CA ASN A 126 -3.72 16.21 7.98
C ASN A 126 -4.54 15.55 9.09
N TYR A 127 -5.57 14.79 8.72
CA TYR A 127 -6.24 13.92 9.68
C TYR A 127 -5.24 12.90 10.25
N VAL A 128 -5.34 12.66 11.56
CA VAL A 128 -4.46 11.72 12.25
C VAL A 128 -5.29 10.52 12.71
N VAL A 129 -5.16 9.36 12.04
CA VAL A 129 -5.92 8.18 12.43
C VAL A 129 -5.65 7.85 13.90
N ALA A 130 -6.72 7.67 14.68
CA ALA A 130 -6.58 7.43 16.12
C ALA A 130 -5.86 6.11 16.42
N ASP A 131 -5.13 6.12 17.53
CA ASP A 131 -4.60 4.91 18.15
C ASP A 131 -5.67 3.82 18.24
N ARG A 132 -5.30 2.59 17.90
CA ARG A 132 -6.09 1.34 17.99
C ARG A 132 -7.15 1.19 16.88
N THR A 133 -7.25 2.13 15.95
CA THR A 133 -8.12 1.94 14.79
C THR A 133 -7.70 0.72 14.00
N GLU A 134 -8.64 -0.20 13.77
CA GLU A 134 -8.35 -1.39 13.00
C GLU A 134 -8.50 -1.05 11.52
N CYS A 135 -7.43 -1.27 10.76
CA CYS A 135 -7.35 -0.98 9.33
C CYS A 135 -6.91 -2.26 8.60
N PHE A 136 -6.87 -2.18 7.27
CA PHE A 136 -6.53 -3.31 6.42
C PHE A 136 -5.36 -2.98 5.51
N ILE A 137 -4.40 -3.90 5.45
CA ILE A 137 -3.22 -3.80 4.60
C ILE A 137 -3.24 -4.99 3.65
N THR A 138 -3.06 -4.73 2.35
CA THR A 138 -3.24 -5.76 1.33
C THR A 138 -2.01 -5.80 0.41
N GLY A 139 -1.76 -6.98 -0.16
CA GLY A 139 -0.66 -7.10 -1.11
C GLY A 139 -0.34 -8.55 -1.43
N TRP A 140 0.59 -8.71 -2.38
CA TRP A 140 1.10 -10.00 -2.81
C TRP A 140 2.48 -10.30 -2.24
N GLY A 141 2.90 -9.62 -1.19
CA GLY A 141 4.26 -9.73 -0.69
C GLY A 141 4.56 -11.05 0.04
N GLU A 142 5.79 -11.12 0.53
CA GLU A 142 6.31 -12.27 1.27
C GLU A 142 5.39 -12.67 2.42
N THR A 143 5.19 -13.99 2.58
CA THR A 143 4.33 -14.51 3.64
C THR A 143 5.10 -15.17 4.78
N GLN A 144 6.42 -15.28 4.67
CA GLN A 144 7.26 -15.89 5.72
C GLN A 144 6.70 -17.23 6.20
N GLY A 145 6.40 -18.10 5.24
CA GLY A 145 5.93 -19.43 5.56
C GLY A 145 4.45 -19.55 5.86
N THR A 146 3.73 -18.44 5.99
CA THR A 146 2.28 -18.51 6.21
C THR A 146 1.56 -18.71 4.88
N PHE A 147 0.30 -19.11 4.95
CA PHE A 147 -0.35 -19.57 3.74
C PHE A 147 -0.77 -18.40 2.85
N GLY A 148 -1.02 -18.71 1.58
CA GLY A 148 -1.60 -17.75 0.65
C GLY A 148 -0.65 -17.09 -0.33
N ALA A 149 0.61 -17.49 -0.38
CA ALA A 149 1.53 -16.94 -1.38
C ALA A 149 0.98 -17.13 -2.78
N GLY A 150 1.11 -16.09 -3.62
CA GLY A 150 0.58 -16.12 -4.97
C GLY A 150 -0.81 -15.53 -5.12
N LEU A 151 -1.48 -15.24 -4.01
CA LEU A 151 -2.83 -14.70 -4.01
C LEU A 151 -2.85 -13.41 -3.19
N LEU A 152 -3.75 -12.50 -3.55
CA LEU A 152 -3.90 -11.26 -2.82
C LEU A 152 -4.29 -11.55 -1.38
N LYS A 153 -3.46 -11.13 -0.44
CA LYS A 153 -3.70 -11.33 0.98
C LYS A 153 -4.07 -10.01 1.67
N GLU A 154 -4.71 -10.14 2.81
CA GLU A 154 -5.03 -8.99 3.65
C GLU A 154 -4.58 -9.27 5.08
N ALA A 155 -4.21 -8.20 5.78
CA ALA A 155 -3.97 -8.24 7.22
C ALA A 155 -4.84 -7.16 7.88
N GLN A 156 -5.60 -7.55 8.90
CA GLN A 156 -6.34 -6.58 9.70
C GLN A 156 -5.47 -6.18 10.89
N LEU A 157 -5.00 -4.93 10.92
CA LEU A 157 -4.05 -4.51 11.95
C LEU A 157 -4.43 -3.17 12.56
N PRO A 158 -4.23 -2.99 13.85
CA PRO A 158 -4.53 -1.69 14.47
C PRO A 158 -3.39 -0.69 14.34
N VAL A 159 -3.78 0.57 14.14
CA VAL A 159 -2.86 1.70 14.23
C VAL A 159 -2.29 1.79 15.64
N ILE A 160 -1.00 2.11 15.72
CA ILE A 160 -0.32 2.41 16.97
C ILE A 160 0.12 3.86 16.88
N GLU A 161 -0.34 4.70 17.81
CA GLU A 161 -0.04 6.13 17.71
C GLU A 161 1.47 6.34 17.76
N ASN A 162 1.92 7.38 17.03
CA ASN A 162 3.37 7.58 16.84
C ASN A 162 4.10 7.69 18.17
N LYS A 163 3.51 8.38 19.15
CA LYS A 163 4.24 8.57 20.40
C LYS A 163 4.49 7.23 21.10
N VAL A 164 3.62 6.24 20.90
CA VAL A 164 3.91 4.90 21.43
C VAL A 164 4.94 4.19 20.55
N CYS A 165 4.70 4.22 19.24
N CYS A 165 4.74 4.15 19.22
CA CYS A 165 5.55 3.51 18.29
CA CYS A 165 5.66 3.33 18.45
C CYS A 165 6.99 3.98 18.36
C CYS A 165 7.03 3.98 18.26
N ASN A 166 7.21 5.27 18.63
CA ASN A 166 8.55 5.83 18.69
C ASN A 166 9.27 5.54 20.01
N ARG A 167 8.63 4.84 20.95
CA ARG A 167 9.32 4.55 22.20
C ARG A 167 10.57 3.71 21.96
N TYR A 168 11.50 3.82 22.90
CA TYR A 168 12.79 3.14 22.84
C TYR A 168 12.65 1.65 22.59
N GLU A 169 11.66 1.01 23.22
CA GLU A 169 11.46 -0.43 23.11
C GLU A 169 10.92 -0.87 21.76
N PHE A 170 10.38 0.08 20.97
CA PHE A 170 9.72 -0.25 19.72
C PHE A 170 10.59 0.29 18.59
N LEU A 171 10.23 1.40 17.96
CA LEU A 171 10.99 1.90 16.81
C LEU A 171 11.92 3.06 17.19
N ASN A 172 11.97 3.44 18.47
CA ASN A 172 13.04 4.27 19.05
C ASN A 172 13.33 5.54 18.24
N GLY A 173 12.29 6.36 18.07
CA GLY A 173 12.48 7.67 17.45
C GLY A 173 12.55 7.70 15.94
N ARG A 174 12.46 6.56 15.25
CA ARG A 174 12.61 6.55 13.80
C ARG A 174 11.40 7.07 13.04
N VAL A 175 10.24 7.14 13.66
CA VAL A 175 9.00 7.36 12.91
C VAL A 175 8.70 8.86 12.88
N GLN A 176 8.56 9.42 11.67
CA GLN A 176 8.28 10.83 11.47
C GLN A 176 6.77 11.10 11.57
N SER A 177 6.42 12.36 11.84
CA SER A 177 5.00 12.72 11.90
C SER A 177 4.28 12.43 10.59
N THR A 178 5.00 12.40 9.46
CA THR A 178 4.41 12.07 8.16
C THR A 178 4.35 10.57 7.91
N GLU A 179 4.55 9.76 8.95
CA GLU A 179 4.38 8.32 8.91
C GLU A 179 3.43 7.92 10.03
N LEU A 180 2.91 6.70 9.93
CA LEU A 180 2.12 6.11 11.00
C LEU A 180 2.55 4.66 11.18
N CYS A 181 2.21 4.10 12.34
CA CYS A 181 2.53 2.72 12.64
C CYS A 181 1.24 1.90 12.70
N ALA A 182 1.32 0.67 12.24
CA ALA A 182 0.23 -0.27 12.41
C ALA A 182 0.79 -1.68 12.58
N GLY A 183 0.15 -2.45 13.43
CA GLY A 183 0.52 -3.84 13.61
C GLY A 183 0.21 -4.28 15.02
N HIS A 184 0.55 -5.53 15.30
CA HIS A 184 0.45 -6.10 16.64
C HIS A 184 1.86 -6.13 17.22
N LEU A 185 2.04 -5.50 18.38
CA LEU A 185 3.35 -5.54 19.02
C LEU A 185 3.75 -6.97 19.40
N ALA A 186 2.80 -7.90 19.53
CA ALA A 186 3.17 -9.28 19.76
C ALA A 186 3.80 -9.92 18.53
N GLY A 187 3.68 -9.30 17.36
CA GLY A 187 4.19 -9.87 16.12
C GLY A 187 3.23 -10.88 15.52
N GLY A 188 3.68 -11.52 14.44
CA GLY A 188 2.94 -12.59 13.78
C GLY A 188 2.24 -12.18 12.49
N THR A 189 1.86 -10.91 12.35
CA THR A 189 1.09 -10.43 11.20
C THR A 189 1.65 -9.08 10.75
N ASP A 190 1.94 -8.95 9.45
CA ASP A 190 2.62 -7.77 8.96
C ASP A 190 2.60 -7.75 7.44
N SER A 191 2.76 -6.54 6.89
CA SER A 191 3.21 -6.40 5.52
C SER A 191 4.71 -6.72 5.45
N CYS A 192 5.17 -7.15 4.27
CA CYS A 192 6.55 -7.58 4.09
C CYS A 192 6.99 -7.29 2.66
N GLN A 193 8.24 -7.67 2.33
CA GLN A 193 8.82 -7.39 1.02
C GLN A 193 7.90 -7.82 -0.12
N GLY A 194 7.64 -6.88 -1.05
CA GLY A 194 6.64 -7.07 -2.08
C GLY A 194 5.33 -6.34 -1.83
N ASP A 195 5.09 -5.93 -0.58
CA ASP A 195 3.87 -5.20 -0.22
C ASP A 195 4.04 -3.69 -0.27
N ALA A 196 5.28 -3.18 -0.23
CA ALA A 196 5.52 -1.75 -0.25
C ALA A 196 4.76 -1.09 -1.38
N GLY A 197 4.27 0.11 -1.13
CA GLY A 197 3.56 0.87 -2.12
C GLY A 197 2.06 0.65 -2.15
N GLY A 198 1.60 -0.48 -1.58
CA GLY A 198 0.19 -0.77 -1.54
C GLY A 198 -0.51 -0.05 -0.41
N PRO A 199 -1.81 -0.30 -0.28
CA PRO A 199 -2.64 0.49 0.64
C PRO A 199 -2.65 -0.02 2.07
N LEU A 200 -2.91 0.93 2.97
CA LEU A 200 -3.50 0.69 4.29
C LEU A 200 -4.76 1.53 4.30
N VAL A 201 -5.92 0.88 4.33
CA VAL A 201 -7.22 1.57 4.33
C VAL A 201 -7.92 1.33 5.65
N CYS A 202 -8.70 2.33 6.08
CA CYS A 202 -9.53 2.20 7.28
C CYS A 202 -10.97 2.55 6.91
N PHE A 203 -11.88 1.69 7.32
CA PHE A 203 -13.30 1.88 7.01
C PHE A 203 -13.85 3.04 7.84
N GLU A 204 -14.50 4.00 7.20
CA GLU A 204 -15.08 5.16 7.89
C GLU A 204 -16.49 5.39 7.36
N LYS A 205 -17.48 5.25 8.26
CA LYS A 205 -18.91 5.39 7.95
C LYS A 205 -19.37 4.32 6.95
N ASP A 206 -19.05 4.50 5.67
CA ASP A 206 -19.59 3.58 4.68
C ASP A 206 -18.60 3.31 3.56
N LYS A 207 -17.32 3.63 3.75
CA LYS A 207 -16.35 3.41 2.68
C LYS A 207 -14.97 3.29 3.29
N TYR A 208 -14.05 2.79 2.47
CA TYR A 208 -12.66 2.65 2.85
C TYR A 208 -11.88 3.89 2.41
N ILE A 209 -11.11 4.46 3.33
CA ILE A 209 -10.29 5.64 3.07
C ILE A 209 -8.82 5.21 3.09
N LEU A 210 -8.06 5.65 2.11
CA LEU A 210 -6.65 5.33 2.06
C LEU A 210 -5.90 6.17 3.10
N GLN A 211 -5.37 5.53 4.15
CA GLN A 211 -4.67 6.29 5.18
C GLN A 211 -3.16 6.08 5.16
N GLY A 212 -2.67 4.98 4.60
CA GLY A 212 -1.25 4.71 4.60
C GLY A 212 -0.77 4.08 3.31
N VAL A 213 0.53 4.26 3.05
CA VAL A 213 1.26 3.59 1.98
C VAL A 213 2.33 2.73 2.65
N THR A 214 2.29 1.43 2.38
CA THR A 214 3.27 0.51 2.96
C THR A 214 4.69 0.94 2.61
N SER A 215 5.55 1.03 3.62
CA SER A 215 6.86 1.64 3.42
C SER A 215 7.99 0.76 3.93
N TRP A 216 8.12 0.63 5.25
CA TRP A 216 9.27 -0.06 5.80
C TRP A 216 8.95 -0.70 7.14
N GLY A 217 9.91 -1.46 7.64
CA GLY A 217 9.85 -1.99 8.99
C GLY A 217 11.21 -2.52 9.37
N LEU A 218 11.35 -2.84 10.66
CA LEU A 218 12.50 -3.60 11.15
C LEU A 218 12.13 -5.06 11.01
N GLY A 219 12.48 -5.66 9.87
CA GLY A 219 11.99 -6.98 9.54
C GLY A 219 10.49 -6.95 9.28
N CYS A 220 9.87 -8.13 9.42
CA CYS A 220 8.42 -8.27 9.28
C CYS A 220 7.90 -9.15 10.41
N ALA A 221 6.76 -8.76 10.99
CA ALA A 221 6.01 -9.58 11.94
C ALA A 221 6.79 -9.90 13.22
N ARG A 222 7.86 -9.18 13.50
CA ARG A 222 8.64 -9.40 14.72
C ARG A 222 8.00 -8.69 15.93
N PRO A 223 8.17 -9.25 17.12
CA PRO A 223 7.61 -8.58 18.32
C PRO A 223 8.23 -7.21 18.51
N ASN A 224 7.43 -6.26 19.00
CA ASN A 224 7.85 -4.89 19.29
C ASN A 224 8.28 -4.12 18.04
N LYS A 225 8.00 -4.63 16.85
CA LYS A 225 8.46 -3.99 15.60
C LYS A 225 7.29 -3.86 14.63
N PRO A 226 6.38 -2.91 14.86
CA PRO A 226 5.25 -2.73 13.95
C PRO A 226 5.70 -2.11 12.63
N GLY A 227 4.86 -2.33 11.60
CA GLY A 227 5.16 -1.79 10.29
C GLY A 227 4.96 -0.29 10.24
N VAL A 228 5.71 0.37 9.36
CA VAL A 228 5.62 1.81 9.17
C VAL A 228 5.05 2.11 7.79
N TYR A 229 4.15 3.09 7.74
CA TYR A 229 3.39 3.47 6.55
C TYR A 229 3.50 4.97 6.35
N VAL A 230 3.60 5.42 5.09
CA VAL A 230 3.52 6.87 4.86
C VAL A 230 2.10 7.33 5.18
N ARG A 231 1.99 8.44 5.91
CA ARG A 231 0.70 8.97 6.37
C ARG A 231 0.07 9.79 5.25
N VAL A 232 -0.90 9.21 4.54
CA VAL A 232 -1.44 9.81 3.31
C VAL A 232 -2.03 11.21 3.57
N SER A 233 -2.68 11.41 4.71
CA SER A 233 -3.36 12.70 4.93
C SER A 233 -2.39 13.87 4.88
N ARG A 234 -1.11 13.65 5.19
CA ARG A 234 -0.15 14.75 5.16
C ARG A 234 0.26 15.14 3.74
N PHE A 235 -0.16 14.36 2.73
CA PHE A 235 0.22 14.59 1.33
C PHE A 235 -0.99 14.81 0.41
N VAL A 236 -2.20 14.91 0.96
CA VAL A 236 -3.39 15.07 0.13
C VAL A 236 -3.30 16.35 -0.70
N THR A 237 -2.80 17.44 -0.14
CA THR A 237 -2.70 18.67 -0.92
C THR A 237 -1.75 18.50 -2.10
N TRP A 238 -0.61 17.85 -1.86
CA TRP A 238 0.33 17.59 -2.95
C TRP A 238 -0.31 16.69 -4.01
N ILE A 239 -0.96 15.61 -3.57
CA ILE A 239 -1.60 14.67 -4.49
C ILE A 239 -2.62 15.37 -5.37
N GLU A 240 -3.49 16.18 -4.76
CA GLU A 240 -4.53 16.82 -5.54
C GLU A 240 -3.96 17.92 -6.44
N GLY A 241 -2.91 18.61 -5.98
CA GLY A 241 -2.24 19.56 -6.85
C GLY A 241 -1.68 18.90 -8.11
N VAL A 242 -0.98 17.78 -7.93
CA VAL A 242 -0.40 17.08 -9.08
C VAL A 242 -1.50 16.64 -10.05
N MET A 243 -2.58 16.06 -9.52
CA MET A 243 -3.65 15.56 -10.37
C MET A 243 -4.34 16.68 -11.13
N ARG A 244 -4.56 17.83 -10.48
CA ARG A 244 -5.23 18.93 -11.14
C ARG A 244 -4.34 19.60 -12.18
N ASN A 245 -3.02 19.51 -12.07
CA ASN A 245 -2.12 20.26 -12.95
C ASN A 245 -1.35 19.40 -13.96
N ASN A 246 -1.64 18.11 -14.04
CA ASN A 246 -0.89 17.25 -14.96
C ASN A 246 -1.82 16.20 -15.56
N GLY B 1 18.78 -1.23 10.57
CA GLY B 1 17.90 -2.39 10.53
C GLY B 1 16.66 -2.22 9.67
N ARG B 2 16.46 -1.00 9.17
CA ARG B 2 15.34 -0.71 8.27
C ARG B 2 15.40 -1.58 7.03
N CYS B 3 14.29 -2.23 6.70
CA CYS B 3 14.12 -2.82 5.38
C CYS B 3 12.87 -2.20 4.77
N TYR B 4 13.05 -1.49 3.67
CA TYR B 4 11.94 -0.98 2.90
C TYR B 4 11.34 -2.14 2.10
N LYS B 5 10.01 -2.17 2.00
CA LYS B 5 9.32 -3.43 1.73
C LYS B 5 9.04 -3.70 0.24
N SER B 6 9.88 -3.20 -0.67
CA SER B 6 9.81 -3.64 -2.06
C SER B 6 10.27 -5.10 -2.20
N ARG B 7 10.19 -5.63 -3.41
CA ARG B 7 10.75 -6.95 -3.72
C ARG B 7 11.74 -6.83 -4.89
N PRO B 8 13.04 -7.07 -4.69
CA PRO B 8 13.68 -7.33 -3.39
C PRO B 8 13.64 -6.10 -2.45
N PRO B 9 13.79 -6.30 -1.15
CA PRO B 9 13.72 -5.16 -0.22
C PRO B 9 15.01 -4.34 -0.22
N ILE B 10 14.87 -3.09 0.22
CA ILE B 10 16.00 -2.18 0.41
C ILE B 10 16.31 -2.14 1.90
N CYS B 11 17.43 -2.77 2.30
CA CYS B 11 17.79 -2.94 3.71
C CYS B 11 19.07 -2.19 4.03
N PHE B 12 19.20 -1.83 5.30
CA PHE B 12 20.29 -1.01 5.79
C PHE B 12 20.81 -1.57 7.10
N PRO B 13 22.03 -1.18 7.52
CA PRO B 13 22.52 -1.63 8.82
C PRO B 13 21.74 -1.06 10.00
N ASN B 14 21.14 0.13 9.85
CA ASN B 14 20.36 0.74 10.93
C ASN B 14 19.13 -0.10 11.30
#